data_3Q77
#
_entry.id   3Q77
#
_cell.length_a   73.732
_cell.length_b   73.732
_cell.length_c   70.658
_cell.angle_alpha   90.00
_cell.angle_beta   90.00
_cell.angle_gamma   120.00
#
_symmetry.space_group_name_H-M   'P 63'
#
loop_
_entity.id
_entity.type
_entity.pdbx_description
1 polymer 'Neutrophil elastase'
2 branched 2-acetamido-2-deoxy-beta-D-glucopyranose-(1-4)-[alpha-L-fucopyranose-(1-6)]2-acetamido-2-deoxy-beta-D-glucopyranose
3 non-polymer 2-acetamido-2-deoxy-beta-D-glucopyranose
4 non-polymer '2-hydroxyethyl (4R)-4-(4-cyanophenyl)-6-methyl-2-oxo-1-[3-(trifluoromethyl)phenyl]-1,2,3,4-tetrahydropyrimidine-5-carboxylate'
5 water water
#
_entity_poly.entity_id   1
_entity_poly.type   'polypeptide(L)'
_entity_poly.pdbx_seq_one_letter_code
;IVGGRRARPHAWPFMVSLQLRGGHFCGATLIAPNFVMSAAHCVANVNVRAVRVVLGAHNLSRREPTRQVFAVQRIFENGY
DPVNLLNDIVILQLNGSATINANVQVAQLPAQGRRLGNGVQCLAMGWGLLGRNRGIASVLQELNVTVVTSLCRRSNVCTL
VRGRQAGVCFGDSGSPLVCNGLIHGIASFVRGGCASGLYPDAFAPVAQFVNWIDSIIQ
;
_entity_poly.pdbx_strand_id   A
#
# COMPACT_ATOMS: atom_id res chain seq x y z
N ILE A 1 -0.67 0.97 -10.94
CA ILE A 1 0.63 1.57 -11.25
C ILE A 1 0.74 1.90 -12.76
N VAL A 2 0.96 3.17 -13.05
CA VAL A 2 1.16 3.64 -14.42
C VAL A 2 2.65 3.73 -14.74
N GLY A 3 3.09 3.09 -15.82
CA GLY A 3 4.46 3.25 -16.28
C GLY A 3 5.44 2.40 -15.50
N GLY A 4 4.92 1.41 -14.79
CA GLY A 4 5.76 0.51 -14.00
C GLY A 4 6.13 -0.74 -14.78
N ARG A 5 6.39 -1.82 -14.06
CA ARG A 5 6.75 -3.10 -14.65
C ARG A 5 6.21 -4.22 -13.77
N ARG A 6 6.11 -5.42 -14.33
CA ARG A 6 5.72 -6.59 -13.54
C ARG A 6 6.76 -6.91 -12.49
N ALA A 7 6.31 -7.18 -11.28
CA ALA A 7 7.22 -7.68 -10.24
C ALA A 7 7.56 -9.13 -10.52
N ARG A 8 8.76 -9.54 -10.11
CA ARG A 8 9.10 -10.95 -10.06
C ARG A 8 8.10 -11.63 -9.13
N PRO A 9 7.61 -12.83 -9.51
CA PRO A 9 6.61 -13.46 -8.66
C PRO A 9 7.07 -13.54 -7.21
N HIS A 10 6.24 -13.03 -6.30
CA HIS A 10 6.49 -13.12 -4.86
C HIS A 10 7.79 -12.45 -4.40
N ALA A 11 8.21 -11.42 -5.13
CA ALA A 11 9.33 -10.57 -4.74
C ALA A 11 9.06 -9.81 -3.44
N TRP A 12 7.79 -9.46 -3.20
CA TRP A 12 7.37 -8.62 -2.08
C TRP A 12 6.30 -9.36 -1.27
N PRO A 13 6.72 -10.38 -0.51
CA PRO A 13 5.79 -11.32 0.14
C PRO A 13 4.95 -10.70 1.26
N PHE A 14 5.27 -9.48 1.66
CA PHE A 14 4.44 -8.70 2.58
C PHE A 14 3.26 -8.00 1.84
N MET A 15 3.26 -8.07 0.52
CA MET A 15 2.26 -7.36 -0.29
C MET A 15 0.92 -8.07 -0.25
N VAL A 16 -0.14 -7.32 0.05
CA VAL A 16 -1.48 -7.84 0.26
C VAL A 16 -2.49 -7.25 -0.72
N SER A 17 -3.43 -8.09 -1.18
CA SER A 17 -4.54 -7.62 -1.99
C SER A 17 -5.81 -7.65 -1.14
N LEU A 18 -6.49 -6.51 -1.01
CA LEU A 18 -7.77 -6.45 -0.33
C LEU A 18 -8.86 -6.58 -1.39
N GLN A 19 -9.82 -7.45 -1.14
CA GLN A 19 -10.77 -7.84 -2.18
C GLN A 19 -12.21 -7.92 -1.64
N LEU A 20 -13.17 -7.65 -2.51
CA LEU A 20 -14.58 -7.87 -2.19
C LEU A 20 -15.08 -8.92 -3.17
N ARG A 21 -16.33 -9.35 -3.04
CA ARG A 21 -16.93 -10.25 -4.03
C ARG A 21 -16.41 -9.91 -5.42
N GLY A 22 -16.45 -8.61 -5.75
CA GLY A 22 -16.02 -8.12 -7.04
C GLY A 22 -14.53 -8.19 -7.36
N GLY A 23 -13.69 -8.51 -6.36
CA GLY A 23 -12.26 -8.62 -6.59
C GLY A 23 -11.44 -7.51 -5.95
N HIS A 24 -10.20 -7.33 -6.40
CA HIS A 24 -9.27 -6.35 -5.83
C HIS A 24 -9.79 -4.90 -5.85
N PHE A 25 -9.70 -4.22 -4.71
CA PHE A 25 -10.02 -2.79 -4.64
C PHE A 25 -8.92 -1.95 -3.94
N CYS A 26 -7.99 -2.59 -3.25
CA CYS A 26 -6.93 -1.86 -2.53
C CYS A 26 -5.77 -2.79 -2.14
N GLY A 27 -4.60 -2.20 -1.90
CA GLY A 27 -3.47 -2.95 -1.38
C GLY A 27 -3.41 -2.87 0.13
N ALA A 28 -2.49 -3.62 0.71
CA ALA A 28 -2.21 -3.55 2.14
C ALA A 28 -0.84 -4.17 2.34
N THR A 29 -0.36 -4.11 3.58
CA THR A 29 0.95 -4.65 3.94
C THR A 29 0.78 -5.54 5.16
N LEU A 30 1.28 -6.77 5.08
CA LEU A 30 1.31 -7.68 6.22
C LEU A 30 2.34 -7.20 7.24
N ILE A 31 1.89 -6.80 8.43
CA ILE A 31 2.81 -6.22 9.42
C ILE A 31 3.03 -7.10 10.65
N ALA A 32 2.31 -8.22 10.69
CA ALA A 32 2.42 -9.26 11.71
C ALA A 32 1.57 -10.40 11.16
N PRO A 33 1.76 -11.63 11.67
CA PRO A 33 0.97 -12.70 11.04
C PRO A 33 -0.55 -12.45 11.06
N ASN A 34 -1.06 -11.69 12.03
CA ASN A 34 -2.50 -11.47 12.11
C ASN A 34 -2.94 -10.01 11.99
N PHE A 35 -2.08 -9.18 11.41
CA PHE A 35 -2.41 -7.77 11.14
C PHE A 35 -1.88 -7.34 9.77
N VAL A 36 -2.70 -6.59 9.02
CA VAL A 36 -2.22 -5.89 7.84
C VAL A 36 -2.51 -4.43 8.06
N MET A 37 -1.73 -3.55 7.43
CA MET A 37 -2.07 -2.15 7.43
C MET A 37 -2.35 -1.63 6.00
N SER A 38 -3.21 -0.63 5.91
CA SER A 38 -3.67 -0.14 4.63
C SER A 38 -4.09 1.33 4.81
N ALA A 39 -4.67 1.92 3.77
CA ALA A 39 -5.14 3.30 3.85
C ALA A 39 -6.56 3.31 4.40
N ALA A 40 -6.83 4.25 5.30
CA ALA A 40 -8.16 4.40 5.88
C ALA A 40 -9.20 4.63 4.80
N HIS A 41 -8.85 5.41 3.77
CA HIS A 41 -9.77 5.68 2.67
C HIS A 41 -10.20 4.41 1.90
N CYS A 42 -9.39 3.35 1.96
CA CYS A 42 -9.81 2.06 1.36
C CYS A 42 -11.01 1.47 2.06
N VAL A 43 -11.14 1.68 3.36
CA VAL A 43 -12.21 1.01 4.12
C VAL A 43 -13.34 1.93 4.61
N ALA A 44 -13.20 3.24 4.41
CA ALA A 44 -14.29 4.15 4.71
C ALA A 44 -15.43 3.87 3.72
N ASN A 45 -16.62 3.61 4.23
CA ASN A 45 -17.76 3.29 3.37
C ASN A 45 -17.71 1.94 2.70
N VAL A 46 -16.92 1.03 3.25
CA VAL A 46 -16.91 -0.35 2.78
C VAL A 46 -17.43 -1.24 3.90
N ASN A 47 -18.13 -2.32 3.54
CA ASN A 47 -18.52 -3.32 4.54
C ASN A 47 -17.32 -4.21 4.84
N VAL A 48 -16.69 -3.96 5.98
CA VAL A 48 -15.44 -4.60 6.36
C VAL A 48 -15.59 -6.10 6.62
N ARG A 49 -16.81 -6.53 6.91
CA ARG A 49 -17.08 -7.95 7.14
C ARG A 49 -17.09 -8.70 5.82
N ALA A 50 -17.15 -7.96 4.72
CA ALA A 50 -17.13 -8.54 3.37
C ALA A 50 -15.71 -8.59 2.78
N VAL A 51 -14.77 -7.90 3.42
CA VAL A 51 -13.42 -7.82 2.88
C VAL A 51 -12.63 -9.11 3.02
N ARG A 52 -12.10 -9.59 1.90
CA ARG A 52 -11.17 -10.71 1.89
C ARG A 52 -9.72 -10.21 1.81
N VAL A 53 -8.90 -10.68 2.74
CA VAL A 53 -7.52 -10.26 2.84
C VAL A 53 -6.68 -11.37 2.22
N VAL A 54 -6.10 -11.06 1.06
CA VAL A 54 -5.43 -12.08 0.25
C VAL A 54 -3.92 -11.92 0.33
N LEU A 55 -3.26 -12.89 0.94
CA LEU A 55 -1.83 -12.89 1.07
C LEU A 55 -1.25 -13.87 0.07
N GLY A 56 0.03 -13.70 -0.24
CA GLY A 56 0.74 -14.63 -1.11
C GLY A 56 0.37 -14.58 -2.58
N ALA A 57 -0.30 -13.51 -3.03
CA ALA A 57 -0.75 -13.42 -4.41
C ALA A 57 0.29 -12.79 -5.33
N HIS A 58 0.16 -13.08 -6.62
CA HIS A 58 0.97 -12.41 -7.64
C HIS A 58 0.11 -12.06 -8.85
N ASN A 59 -0.52 -13.07 -9.44
CA ASN A 59 -1.37 -12.88 -10.60
C ASN A 59 -2.83 -13.06 -10.21
N LEU A 60 -3.54 -11.94 -10.10
CA LEU A 60 -4.90 -11.99 -9.55
C LEU A 60 -5.86 -12.70 -10.50
N SER A 61 -5.47 -12.82 -11.77
CA SER A 61 -6.31 -13.46 -12.78
C SER A 61 -6.26 -14.99 -12.73
N ARG A 62 -5.25 -15.55 -12.07
CA ARG A 62 -5.13 -17.00 -11.92
C ARG A 62 -5.46 -17.45 -10.49
N ARG A 63 -5.88 -18.71 -10.35
CA ARG A 63 -5.97 -19.31 -9.03
C ARG A 63 -4.56 -19.71 -8.61
N GLU A 64 -4.16 -19.27 -7.41
CA GLU A 64 -2.80 -19.49 -6.94
C GLU A 64 -2.84 -20.20 -5.59
N PRO A 65 -2.26 -21.41 -5.53
CA PRO A 65 -2.13 -22.19 -4.29
C PRO A 65 -1.27 -21.49 -3.25
N THR A 66 -0.41 -20.57 -3.69
CA THR A 66 0.45 -19.82 -2.78
C THR A 66 -0.34 -18.84 -1.91
N ARG A 67 -1.62 -18.64 -2.22
CA ARG A 67 -2.44 -17.65 -1.53
C ARG A 67 -2.99 -18.12 -0.19
N GLN A 68 -3.08 -17.20 0.75
CA GLN A 68 -3.78 -17.42 2.01
C GLN A 68 -4.79 -16.30 2.18
N VAL A 69 -6.04 -16.68 2.46
CA VAL A 69 -7.13 -15.71 2.53
C VAL A 69 -7.69 -15.61 3.93
N PHE A 70 -7.79 -14.37 4.41
CA PHE A 70 -8.34 -14.12 5.74
C PHE A 70 -9.49 -13.13 5.68
N ALA A 71 -10.24 -13.07 6.77
CA ALA A 71 -11.30 -12.08 6.93
C ALA A 71 -10.83 -11.08 7.97
N VAL A 72 -11.53 -9.96 8.07
CA VAL A 72 -11.13 -8.93 9.00
C VAL A 72 -11.89 -9.09 10.31
N GLN A 73 -11.14 -9.14 11.40
CA GLN A 73 -11.72 -9.39 12.71
C GLN A 73 -12.02 -8.08 13.40
N ARG A 74 -11.09 -7.13 13.31
CA ARG A 74 -11.20 -5.89 14.04
C ARG A 74 -10.50 -4.79 13.24
N ILE A 75 -10.97 -3.56 13.36
CA ILE A 75 -10.31 -2.44 12.71
C ILE A 75 -9.77 -1.46 13.74
N PHE A 76 -8.54 -0.99 13.51
CA PHE A 76 -7.98 0.06 14.35
C PHE A 76 -7.72 1.29 13.50
N GLU A 77 -8.24 2.42 13.91
CA GLU A 77 -7.96 3.63 13.15
C GLU A 77 -7.22 4.63 14.01
N ASN A 78 -6.73 5.70 13.39
CA ASN A 78 -5.89 6.66 14.07
C ASN A 78 -6.12 8.10 13.59
N GLY A 79 -7.38 8.52 13.58
CA GLY A 79 -7.70 9.92 13.33
C GLY A 79 -7.83 10.29 11.87
N TYR A 80 -8.12 9.30 11.02
CA TYR A 80 -8.41 9.53 9.61
C TYR A 80 -9.22 10.81 9.39
N ASP A 81 -8.65 11.75 8.64
CA ASP A 81 -9.36 12.98 8.32
C ASP A 81 -9.40 13.20 6.82
N PRO A 82 -10.46 12.69 6.16
CA PRO A 82 -10.54 12.77 4.70
C PRO A 82 -10.56 14.22 4.19
N VAL A 83 -11.10 15.16 4.97
CA VAL A 83 -11.21 16.53 4.48
C VAL A 83 -9.85 17.18 4.37
N ASN A 84 -9.01 16.96 5.38
CA ASN A 84 -7.65 17.49 5.35
C ASN A 84 -6.65 16.50 4.74
N LEU A 85 -7.14 15.30 4.42
CA LEU A 85 -6.29 14.23 3.88
C LEU A 85 -5.20 13.81 4.86
N LEU A 86 -5.57 13.64 6.13
CA LEU A 86 -4.58 13.31 7.16
C LEU A 86 -4.82 11.95 7.78
N ASN A 87 -3.75 11.33 8.28
CA ASN A 87 -3.84 10.07 9.01
C ASN A 87 -4.50 8.98 8.21
N ASP A 88 -4.07 8.80 6.97
CA ASP A 88 -4.69 7.84 6.07
C ASP A 88 -4.09 6.46 6.29
N ILE A 89 -4.39 5.90 7.45
CA ILE A 89 -3.86 4.61 7.82
C ILE A 89 -4.89 3.88 8.68
N VAL A 90 -4.95 2.56 8.50
CA VAL A 90 -5.84 1.73 9.27
C VAL A 90 -5.14 0.40 9.45
N ILE A 91 -5.33 -0.23 10.61
CA ILE A 91 -4.82 -1.57 10.80
C ILE A 91 -6.00 -2.52 10.87
N LEU A 92 -5.91 -3.61 10.11
CA LEU A 92 -6.94 -4.64 10.09
C LEU A 92 -6.42 -5.89 10.75
N GLN A 93 -7.04 -6.27 11.87
CA GLN A 93 -6.72 -7.53 12.52
C GLN A 93 -7.39 -8.68 11.80
N LEU A 94 -6.63 -9.71 11.46
CA LEU A 94 -7.19 -10.82 10.70
C LEU A 94 -7.91 -11.82 11.62
N ASN A 95 -8.72 -12.70 11.03
CA ASN A 95 -9.48 -13.70 11.77
C ASN A 95 -8.64 -14.94 12.09
N GLY A 96 -7.34 -14.83 11.82
CA GLY A 96 -6.42 -15.91 12.07
C GLY A 96 -5.02 -15.37 11.88
N SER A 97 -4.03 -16.26 11.89
CA SER A 97 -2.64 -15.89 11.65
C SER A 97 -2.13 -16.54 10.38
N ALA A 98 -1.39 -15.76 9.60
CA ALA A 98 -0.82 -16.25 8.36
C ALA A 98 0.28 -17.26 8.64
N THR A 99 0.42 -18.21 7.73
CA THR A 99 1.55 -19.14 7.74
C THR A 99 2.70 -18.48 7.02
N ILE A 100 3.73 -18.08 7.76
CA ILE A 100 4.88 -17.40 7.16
C ILE A 100 5.72 -18.37 6.35
N ASN A 101 5.94 -18.05 5.08
CA ASN A 101 6.74 -18.88 4.19
C ASN A 101 7.44 -18.02 3.14
N ALA A 102 7.93 -18.64 2.08
CA ALA A 102 8.61 -17.89 1.03
C ALA A 102 7.71 -16.81 0.42
N ASN A 103 6.40 -17.04 0.43
CA ASN A 103 5.47 -16.19 -0.30
C ASN A 103 4.70 -15.21 0.58
N VAL A 104 4.78 -15.40 1.88
CA VAL A 104 4.01 -14.62 2.82
C VAL A 104 4.92 -14.27 3.99
N GLN A 105 5.27 -12.98 4.10
CA GLN A 105 6.23 -12.55 5.09
C GLN A 105 5.81 -11.21 5.68
N VAL A 106 6.20 -10.91 6.91
CA VAL A 106 5.87 -9.61 7.47
C VAL A 106 6.94 -8.57 7.13
N ALA A 107 6.50 -7.35 6.87
CA ALA A 107 7.36 -6.28 6.42
C ALA A 107 8.11 -5.70 7.60
N GLN A 108 9.18 -4.98 7.29
CA GLN A 108 9.93 -4.29 8.33
C GLN A 108 9.56 -2.83 8.24
N LEU A 109 9.31 -2.22 9.40
CA LEU A 109 8.90 -0.83 9.44
C LEU A 109 10.09 0.00 9.90
N PRO A 110 10.02 1.32 9.68
CA PRO A 110 11.07 2.23 10.15
C PRO A 110 10.92 2.56 11.65
N ALA A 111 11.88 3.32 12.17
CA ALA A 111 11.80 3.81 13.53
C ALA A 111 10.81 4.96 13.59
N GLN A 112 10.15 5.10 14.73
CA GLN A 112 9.24 6.22 14.94
C GLN A 112 9.91 7.56 14.60
N GLY A 113 9.22 8.39 13.81
CA GLY A 113 9.65 9.73 13.51
C GLY A 113 10.68 9.90 12.41
N ARG A 114 11.17 8.79 11.88
CA ARG A 114 12.21 8.82 10.84
C ARG A 114 11.66 9.46 9.58
N ARG A 115 12.22 10.60 9.19
CA ARG A 115 11.85 11.23 7.93
C ARG A 115 12.78 10.79 6.79
N LEU A 116 12.29 10.89 5.57
CA LEU A 116 13.07 10.57 4.38
C LEU A 116 13.53 11.84 3.71
N GLY A 117 14.81 11.91 3.35
CA GLY A 117 15.34 13.09 2.70
C GLY A 117 14.92 13.16 1.25
N ASN A 118 14.87 14.38 0.72
CA ASN A 118 14.70 14.58 -0.71
C ASN A 118 15.71 13.73 -1.49
N GLY A 119 15.23 12.99 -2.48
CA GLY A 119 16.13 12.16 -3.26
C GLY A 119 16.23 10.69 -2.88
N VAL A 120 15.64 10.30 -1.75
CA VAL A 120 15.65 8.89 -1.38
C VAL A 120 14.95 8.08 -2.47
N GLN A 121 15.48 6.90 -2.76
CA GLN A 121 14.99 6.06 -3.85
C GLN A 121 14.09 4.99 -3.29
N CYS A 122 12.87 4.89 -3.81
CA CYS A 122 11.93 3.89 -3.31
C CYS A 122 11.30 3.08 -4.43
N LEU A 123 10.59 2.03 -4.05
CA LEU A 123 9.73 1.29 -4.96
C LEU A 123 8.29 1.45 -4.50
N ALA A 124 7.44 1.93 -5.39
CA ALA A 124 5.99 1.81 -5.22
C ALA A 124 5.51 0.53 -5.89
N MET A 125 4.35 0.03 -5.49
CA MET A 125 3.83 -1.20 -6.07
C MET A 125 2.33 -1.30 -5.90
N GLY A 126 1.71 -2.17 -6.70
CA GLY A 126 0.28 -2.35 -6.57
C GLY A 126 -0.33 -3.06 -7.74
N TRP A 127 -1.59 -3.42 -7.57
CA TRP A 127 -2.40 -4.03 -8.63
C TRP A 127 -3.39 -3.02 -9.24
N GLY A 128 -3.15 -1.73 -9.01
CA GLY A 128 -4.03 -0.66 -9.49
C GLY A 128 -4.06 -0.44 -10.99
N LEU A 129 -4.77 0.59 -11.43
CA LEU A 129 -4.93 0.85 -12.86
C LEU A 129 -3.59 1.06 -13.56
N LEU A 130 -3.50 0.52 -14.77
CA LEU A 130 -2.25 0.59 -15.52
C LEU A 130 -2.17 1.89 -16.31
N GLY A 131 -3.28 2.62 -16.33
CA GLY A 131 -3.36 3.82 -17.15
C GLY A 131 -4.78 4.01 -17.62
N ARG A 132 -4.97 5.01 -18.48
CA ARG A 132 -6.31 5.37 -18.91
C ARG A 132 -7.00 4.22 -19.66
N ASN A 133 -8.08 3.76 -19.04
CA ASN A 133 -8.91 2.68 -19.57
C ASN A 133 -8.14 1.39 -19.91
N ARG A 134 -7.03 1.17 -19.22
CA ARG A 134 -6.33 -0.11 -19.34
C ARG A 134 -6.72 -1.07 -18.22
N GLY A 135 -7.49 -0.59 -17.25
CA GLY A 135 -8.00 -1.43 -16.18
C GLY A 135 -6.95 -1.79 -15.14
N ILE A 136 -7.34 -2.58 -14.14
CA ILE A 136 -6.42 -2.98 -13.08
C ILE A 136 -5.41 -4.00 -13.60
N ALA A 137 -4.28 -4.11 -12.91
CA ALA A 137 -3.27 -5.07 -13.32
C ALA A 137 -3.68 -6.47 -12.88
N SER A 138 -3.37 -7.46 -13.69
CA SER A 138 -3.47 -8.84 -13.24
C SER A 138 -2.23 -9.15 -12.42
N VAL A 139 -1.06 -8.84 -12.97
CA VAL A 139 0.19 -9.14 -12.28
C VAL A 139 0.66 -7.94 -11.46
N LEU A 140 1.07 -8.20 -10.21
CA LEU A 140 1.59 -7.15 -9.36
C LEU A 140 2.63 -6.29 -10.09
N GLN A 141 2.47 -4.97 -10.02
CA GLN A 141 3.38 -4.03 -10.66
C GLN A 141 4.25 -3.32 -9.63
N GLU A 142 5.45 -2.93 -10.05
CA GLU A 142 6.31 -2.12 -9.22
C GLU A 142 6.87 -0.98 -10.05
N LEU A 143 7.41 0.03 -9.37
CA LEU A 143 7.80 1.26 -10.03
C LEU A 143 8.87 1.95 -9.21
N ASN A 144 9.99 2.30 -9.84
CA ASN A 144 10.99 3.13 -9.18
C ASN A 144 10.49 4.56 -9.02
N VAL A 145 10.51 5.08 -7.81
CA VAL A 145 10.14 6.47 -7.58
C VAL A 145 11.13 7.17 -6.65
N THR A 146 11.06 8.50 -6.60
CA THR A 146 12.00 9.31 -5.84
C THR A 146 11.27 10.21 -4.85
N VAL A 147 11.69 10.16 -3.58
CA VAL A 147 11.06 11.02 -2.57
C VAL A 147 11.32 12.49 -2.90
N VAL A 148 10.26 13.29 -2.86
CA VAL A 148 10.40 14.73 -3.02
C VAL A 148 9.71 15.41 -1.86
N THR A 149 10.26 16.54 -1.43
CA THR A 149 9.59 17.34 -0.41
C THR A 149 8.84 18.52 -1.01
N SER A 150 9.22 18.94 -2.22
CA SER A 150 8.53 20.03 -2.92
C SER A 150 7.15 19.60 -3.42
N LEU A 151 6.16 20.46 -3.28
CA LEU A 151 4.78 20.16 -3.65
C LEU A 151 4.20 19.03 -2.79
N CYS A 152 4.75 18.89 -1.57
CA CYS A 152 4.32 17.89 -0.60
C CYS A 152 4.17 18.53 0.76
N ARG A 153 3.27 18.00 1.58
CA ARG A 153 3.11 18.48 2.95
C ARG A 153 4.00 17.70 3.92
N ARG A 154 4.24 18.25 5.10
CA ARG A 154 5.07 17.57 6.09
C ARG A 154 4.37 16.35 6.63
N SER A 155 3.05 16.32 6.43
CA SER A 155 2.19 15.25 6.90
C SER A 155 2.09 14.09 5.90
N ASN A 156 2.91 14.13 4.85
CA ASN A 156 2.97 13.05 3.87
C ASN A 156 4.41 12.70 3.51
N VAL A 157 4.59 11.52 2.94
CA VAL A 157 5.79 11.23 2.17
C VAL A 157 5.34 11.32 0.71
N CYS A 158 6.01 12.15 -0.09
CA CYS A 158 5.66 12.27 -1.51
C CYS A 158 6.76 11.75 -2.40
N THR A 159 6.37 11.21 -3.55
CA THR A 159 7.31 10.64 -4.50
C THR A 159 6.98 11.15 -5.88
N LEU A 160 7.97 11.15 -6.76
CA LEU A 160 7.78 11.61 -8.13
C LEU A 160 8.71 10.86 -9.05
N VAL A 161 8.20 10.48 -10.22
CA VAL A 161 9.06 9.97 -11.29
C VAL A 161 9.37 11.14 -12.21
N ARG A 162 10.65 11.45 -12.40
CA ARG A 162 11.02 12.57 -13.27
C ARG A 162 11.34 12.10 -14.68
N GLY A 163 11.04 12.92 -15.69
CA GLY A 163 11.40 12.59 -17.05
C GLY A 163 10.39 11.76 -17.84
N ARG A 164 9.28 11.44 -17.20
CA ARG A 164 8.20 10.70 -17.85
C ARG A 164 6.97 10.71 -16.95
N GLN A 165 5.84 10.26 -17.46
CA GLN A 165 4.61 10.20 -16.68
C GLN A 165 4.39 8.79 -16.10
N ALA A 166 4.53 8.66 -14.79
CA ALA A 166 4.38 7.37 -14.15
C ALA A 166 4.03 7.62 -12.71
N GLY A 167 3.27 6.72 -12.10
CA GLY A 167 2.91 6.86 -10.69
C GLY A 167 1.85 5.86 -10.27
N VAL A 168 1.36 6.00 -9.04
CA VAL A 168 0.33 5.12 -8.51
C VAL A 168 -1.02 5.58 -9.04
N CYS A 169 -2.04 4.74 -8.89
CA CYS A 169 -3.34 5.06 -9.46
C CYS A 169 -4.41 4.30 -8.71
N PHE A 170 -5.67 4.43 -9.14
CA PHE A 170 -6.77 3.77 -8.44
C PHE A 170 -6.52 2.28 -8.31
N GLY A 171 -6.80 1.74 -7.13
CA GLY A 171 -6.52 0.32 -6.86
C GLY A 171 -5.17 0.11 -6.18
N ASP A 172 -4.30 1.11 -6.28
CA ASP A 172 -3.00 1.11 -5.59
C ASP A 172 -3.10 1.66 -4.17
N SER A 173 -4.20 2.35 -3.87
CA SER A 173 -4.47 2.85 -2.52
C SER A 173 -4.15 1.78 -1.49
N GLY A 174 -3.44 2.17 -0.44
CA GLY A 174 -3.20 1.28 0.68
C GLY A 174 -1.95 0.44 0.52
N SER A 175 -1.35 0.50 -0.68
CA SER A 175 -0.17 -0.33 -0.97
C SER A 175 1.09 0.26 -0.34
N PRO A 176 2.07 -0.60 -0.03
CA PRO A 176 3.31 -0.13 0.58
C PRO A 176 4.20 0.69 -0.35
N LEU A 177 4.93 1.63 0.24
CA LEU A 177 6.04 2.27 -0.41
C LEU A 177 7.28 1.78 0.33
N VAL A 178 8.19 1.12 -0.39
CA VAL A 178 9.38 0.51 0.20
C VAL A 178 10.61 1.39 -0.04
N CYS A 179 11.24 1.86 1.04
CA CYS A 179 12.41 2.70 0.90
C CYS A 179 13.50 2.15 1.80
N ASN A 180 14.65 1.86 1.19
CA ASN A 180 15.77 1.30 1.94
C ASN A 180 15.30 0.08 2.73
N GLY A 181 14.48 -0.77 2.09
CA GLY A 181 14.04 -2.02 2.67
C GLY A 181 12.94 -1.93 3.73
N LEU A 182 12.49 -0.71 4.02
CA LEU A 182 11.49 -0.50 5.07
C LEU A 182 10.20 0.08 4.47
N ILE A 183 9.06 -0.25 5.08
CA ILE A 183 7.79 0.30 4.59
C ILE A 183 7.59 1.73 5.09
N HIS A 184 7.90 2.71 4.25
CA HIS A 184 7.85 4.09 4.70
C HIS A 184 6.57 4.83 4.32
N GLY A 185 5.77 4.22 3.46
CA GLY A 185 4.56 4.88 2.99
C GLY A 185 3.42 3.92 2.77
N ILE A 186 2.21 4.46 2.82
CA ILE A 186 0.99 3.78 2.41
C ILE A 186 0.32 4.69 1.38
N ALA A 187 0.08 4.18 0.17
CA ALA A 187 -0.42 5.02 -0.91
C ALA A 187 -1.75 5.69 -0.54
N SER A 188 -1.76 7.02 -0.61
CA SER A 188 -2.87 7.80 -0.08
C SER A 188 -3.60 8.58 -1.16
N PHE A 189 -2.91 9.45 -1.90
CA PHE A 189 -3.65 10.21 -2.93
C PHE A 189 -2.78 10.78 -4.05
N VAL A 190 -3.42 11.00 -5.21
CA VAL A 190 -2.78 11.65 -6.33
C VAL A 190 -3.44 13.02 -6.60
N ARG A 191 -2.76 13.87 -7.36
CA ARG A 191 -3.35 15.14 -7.78
C ARG A 191 -3.09 15.26 -9.27
N GLY A 192 -4.04 15.90 -9.98
CA GLY A 192 -3.94 16.07 -11.42
C GLY A 192 -4.14 14.78 -12.17
N GLY A 193 -4.88 13.85 -11.57
CA GLY A 193 -5.04 12.52 -12.12
C GLY A 193 -3.79 11.68 -11.88
N CYS A 194 -3.82 10.40 -12.24
CA CYS A 194 -2.65 9.55 -12.06
C CYS A 194 -1.58 9.95 -13.06
N ALA A 195 -0.32 9.85 -12.63
CA ALA A 195 0.82 9.99 -13.52
C ALA A 195 0.75 11.30 -14.30
N SER A 196 0.45 12.39 -13.58
CA SER A 196 0.35 13.71 -14.18
C SER A 196 1.68 14.21 -14.73
N GLY A 197 2.78 13.77 -14.13
CA GLY A 197 4.08 14.31 -14.45
C GLY A 197 4.25 15.69 -13.84
N LEU A 198 3.35 16.07 -12.95
CA LEU A 198 3.44 17.38 -12.31
C LEU A 198 3.37 17.28 -10.78
N TYR A 199 2.30 16.69 -10.27
CA TYR A 199 2.15 16.51 -8.84
C TYR A 199 2.74 15.19 -8.33
N PRO A 200 3.57 15.26 -7.28
CA PRO A 200 4.05 14.04 -6.61
C PRO A 200 2.89 13.23 -6.06
N ASP A 201 3.07 11.92 -6.00
CA ASP A 201 2.12 11.06 -5.33
C ASP A 201 2.33 11.19 -3.82
N ALA A 202 1.26 11.03 -3.07
CA ALA A 202 1.28 11.21 -1.62
C ALA A 202 1.02 9.90 -0.90
N PHE A 203 1.79 9.65 0.16
CA PHE A 203 1.67 8.43 0.94
C PHE A 203 1.47 8.81 2.42
N ALA A 204 0.68 8.05 3.16
CA ALA A 204 0.69 8.20 4.62
C ALA A 204 2.11 7.91 5.16
N PRO A 205 2.64 8.77 6.05
CA PRO A 205 4.02 8.55 6.49
C PRO A 205 4.11 7.51 7.61
N VAL A 206 4.42 6.27 7.26
CA VAL A 206 4.37 5.16 8.20
C VAL A 206 5.23 5.45 9.43
N ALA A 207 6.39 6.07 9.23
CA ALA A 207 7.29 6.38 10.35
C ALA A 207 6.63 7.22 11.44
N GLN A 208 5.67 8.07 11.08
CA GLN A 208 4.98 8.91 12.05
C GLN A 208 4.03 8.11 12.94
N PHE A 209 3.71 6.90 12.54
CA PHE A 209 2.69 6.13 13.26
C PHE A 209 3.23 4.87 13.90
N VAL A 210 4.54 4.74 13.94
CA VAL A 210 5.14 3.48 14.38
C VAL A 210 4.81 3.12 15.83
N ASN A 211 4.91 4.10 16.75
CA ASN A 211 4.53 3.85 18.14
C ASN A 211 3.10 3.31 18.24
N TRP A 212 2.18 3.91 17.48
CA TRP A 212 0.77 3.50 17.52
C TRP A 212 0.61 2.09 16.94
N ILE A 213 1.28 1.86 15.80
CA ILE A 213 1.30 0.54 15.20
C ILE A 213 1.80 -0.53 16.19
N ASP A 214 2.95 -0.27 16.81
CA ASP A 214 3.52 -1.19 17.81
C ASP A 214 2.55 -1.47 18.96
N SER A 215 1.91 -0.43 19.49
CA SER A 215 0.99 -0.57 20.61
C SER A 215 -0.07 -1.61 20.29
N ILE A 216 -0.34 -1.80 19.01
CA ILE A 216 -1.40 -2.70 18.56
C ILE A 216 -0.90 -4.10 18.19
N ILE A 217 0.21 -4.18 17.46
CA ILE A 217 0.69 -5.48 16.98
C ILE A 217 1.64 -6.18 17.93
N GLN A 218 2.39 -5.42 18.73
CA GLN A 218 3.36 -6.00 19.65
C GLN A 218 2.68 -6.78 20.77
#